data_1PBO
#
_entry.id   1PBO
#
_cell.length_a   41.870
_cell.length_b   65.180
_cell.length_c   55.540
_cell.angle_alpha   90.00
_cell.angle_beta   98.13
_cell.angle_gamma   90.00
#
_symmetry.space_group_name_H-M   'P 1 21 1'
#
loop_
_entity.id
_entity.type
_entity.pdbx_description
1 polymer 'ODORANT BINDING PROTEIN'
2 non-polymer 4-butyl-5-propyl-1,3-selenazol-2-amine
3 water water
#
_entity_poly.entity_id   1
_entity_poly.type   'polypeptide(L)'
_entity_poly.pdbx_seq_one_letter_code
;AQEEEAEQNLSELSGPWRTVYIGSTNPEKIQENGPFRTYFRELVFDDEKGTVDFYFSVKRDGKWKNVHVKATKQDDGTYV
ADYEGQNVFKIVSLSRTHLVAHNINVDKHGQKTELTGLFVKLNVEDEDLEKFWKLTEDKGIDKKNVVNFLENEDHPHPE
;
_entity_poly.pdbx_strand_id   A,B
#
# COMPACT_ATOMS: atom_id res chain seq x y z
N ALA A 1 -17.32 -12.74 21.41
CA ALA A 1 -16.36 -12.46 22.51
C ALA A 1 -16.51 -11.00 22.95
N GLN A 2 -15.70 -10.12 22.36
CA GLN A 2 -15.72 -8.69 22.66
C GLN A 2 -15.23 -7.90 21.45
N GLU A 3 -15.84 -6.75 21.18
CA GLU A 3 -15.41 -5.91 20.07
C GLU A 3 -14.84 -4.63 20.65
N GLU A 4 -13.72 -4.15 20.09
CA GLU A 4 -13.11 -2.94 20.61
C GLU A 4 -12.45 -2.04 19.56
N GLU A 5 -12.58 -0.73 19.75
CA GLU A 5 -11.99 0.23 18.83
C GLU A 5 -10.90 1.02 19.54
N ALA A 6 -9.78 1.23 18.85
CA ALA A 6 -8.68 1.99 19.43
C ALA A 6 -9.15 3.43 19.52
N GLU A 7 -8.84 4.10 20.62
CA GLU A 7 -9.25 5.49 20.78
C GLU A 7 -8.54 6.33 19.72
N GLN A 8 -9.34 6.94 18.85
CA GLN A 8 -8.85 7.77 17.76
C GLN A 8 -8.40 9.16 18.17
N ASN A 9 -7.52 9.73 17.33
CA ASN A 9 -6.95 11.07 17.52
C ASN A 9 -5.95 11.22 16.38
N LEU A 10 -5.61 12.45 16.00
CA LEU A 10 -4.66 12.68 14.89
C LEU A 10 -3.48 11.75 15.02
N SER A 11 -3.09 11.47 16.25
CA SER A 11 -1.98 10.58 16.52
C SER A 11 -2.23 9.21 15.90
N GLU A 12 -3.44 8.68 16.07
CA GLU A 12 -3.75 7.38 15.50
C GLU A 12 -3.71 7.41 13.99
N LEU A 13 -3.74 8.58 13.38
CA LEU A 13 -3.76 8.64 11.93
C LEU A 13 -2.41 8.45 11.28
N SER A 14 -1.35 8.73 12.04
CA SER A 14 0.02 8.55 11.55
C SER A 14 0.26 7.09 11.17
N GLY A 15 1.15 6.86 10.22
CA GLY A 15 1.42 5.50 9.82
C GLY A 15 1.57 5.46 8.32
N PRO A 16 1.61 4.27 7.71
CA PRO A 16 1.76 4.17 6.26
C PRO A 16 0.51 4.70 5.55
N TRP A 17 0.74 5.45 4.47
CA TRP A 17 -0.32 6.06 3.67
C TRP A 17 0.12 5.86 2.23
N ARG A 18 -0.86 5.77 1.34
CA ARG A 18 -0.60 5.52 -0.06
C ARG A 18 -1.40 6.50 -0.90
N THR A 19 -0.89 6.86 -2.05
CA THR A 19 -1.62 7.76 -2.89
C THR A 19 -2.44 6.98 -3.91
N VAL A 20 -3.72 7.33 -4.04
CA VAL A 20 -4.63 6.70 -4.97
C VAL A 20 -4.68 7.53 -6.26
N TYR A 21 -5.08 8.79 -6.11
CA TYR A 21 -5.16 9.71 -7.23
C TYR A 21 -4.64 11.08 -6.89
N ILE A 22 -4.08 11.72 -7.90
CA ILE A 22 -3.66 13.11 -7.83
C ILE A 22 -4.09 13.81 -9.14
N GLY A 23 -4.86 14.90 -9.01
CA GLY A 23 -5.30 15.69 -10.15
C GLY A 23 -4.56 17.02 -10.16
N SER A 24 -4.26 17.56 -11.35
CA SER A 24 -3.53 18.82 -11.48
C SER A 24 -4.03 19.76 -12.62
N THR A 25 -4.18 21.06 -12.34
CA THR A 25 -4.61 22.04 -13.37
C THR A 25 -3.47 22.16 -14.40
N ASN A 26 -2.25 21.79 -13.99
CA ASN A 26 -1.09 21.83 -14.87
C ASN A 26 -0.59 20.38 -14.95
N PRO A 27 -0.79 19.72 -16.08
CA PRO A 27 -0.36 18.33 -16.26
C PRO A 27 1.15 18.08 -16.19
N GLU A 28 1.95 19.11 -16.42
CA GLU A 28 3.41 18.96 -16.33
C GLU A 28 3.84 18.64 -14.89
N LYS A 29 3.07 19.09 -13.91
CA LYS A 29 3.43 18.83 -12.53
C LYS A 29 3.32 17.37 -12.09
N ILE A 30 2.39 16.61 -12.69
CA ILE A 30 2.19 15.21 -12.33
C ILE A 30 2.56 14.21 -13.41
N GLN A 31 3.22 14.66 -14.45
CA GLN A 31 3.64 13.77 -15.51
C GLN A 31 4.93 13.12 -15.06
N GLU A 32 5.43 12.17 -15.83
CA GLU A 32 6.66 11.49 -15.47
C GLU A 32 7.68 12.59 -15.30
N ASN A 33 8.32 12.60 -14.13
CA ASN A 33 9.35 13.58 -13.80
C ASN A 33 8.82 14.87 -13.21
N GLY A 34 7.51 14.94 -13.02
CA GLY A 34 6.91 16.11 -12.42
C GLY A 34 7.13 16.02 -10.92
N PRO A 35 7.26 17.16 -10.22
CA PRO A 35 7.48 17.17 -8.78
C PRO A 35 6.29 16.78 -7.94
N PHE A 36 5.12 16.65 -8.55
CA PHE A 36 3.94 16.29 -7.78
C PHE A 36 3.39 14.90 -8.05
N ARG A 37 4.14 14.10 -8.80
CA ARG A 37 3.78 12.70 -9.08
C ARG A 37 4.36 11.95 -7.85
N THR A 38 3.80 12.22 -6.69
CA THR A 38 4.31 11.68 -5.44
C THR A 38 3.62 10.47 -4.86
N TYR A 39 4.40 9.43 -4.58
CA TYR A 39 3.91 8.20 -3.98
C TYR A 39 4.10 8.31 -2.47
N PHE A 40 3.02 8.45 -1.73
CA PHE A 40 3.11 8.57 -0.30
C PHE A 40 3.60 7.29 0.39
N ARG A 41 4.38 7.47 1.45
CA ARG A 41 4.90 6.36 2.24
C ARG A 41 4.36 6.42 3.67
N GLU A 42 4.54 7.56 4.31
CA GLU A 42 4.08 7.70 5.69
C GLU A 42 3.73 9.13 5.98
N LEU A 43 2.87 9.32 6.97
CA LEU A 43 2.46 10.65 7.39
C LEU A 43 2.47 10.61 8.91
N VAL A 44 2.92 11.71 9.50
CA VAL A 44 3.00 11.84 10.94
C VAL A 44 2.27 13.11 11.37
N PHE A 45 1.12 12.94 12.02
CA PHE A 45 0.35 14.08 12.48
C PHE A 45 0.75 14.43 13.88
N ASP A 46 0.97 15.72 14.16
CA ASP A 46 1.33 16.14 15.50
C ASP A 46 0.36 17.23 15.99
N ASP A 47 -0.54 16.81 16.87
CA ASP A 47 -1.55 17.70 17.45
C ASP A 47 -1.00 18.89 18.21
N GLU A 48 0.06 18.64 18.97
CA GLU A 48 0.69 19.64 19.81
C GLU A 48 1.44 20.70 19.05
N LYS A 49 2.22 20.30 18.06
CA LYS A 49 2.98 21.26 17.29
C LYS A 49 2.21 21.80 16.11
N GLY A 50 1.01 21.25 15.88
CA GLY A 50 0.21 21.66 14.75
C GLY A 50 0.97 21.43 13.44
N THR A 51 1.57 20.25 13.28
CA THR A 51 2.36 19.95 12.09
C THR A 51 2.01 18.60 11.50
N VAL A 52 2.33 18.42 10.23
CA VAL A 52 2.19 17.15 9.56
C VAL A 52 3.50 16.98 8.80
N ASP A 53 4.14 15.81 8.97
CA ASP A 53 5.37 15.46 8.26
C ASP A 53 5.01 14.49 7.18
N PHE A 54 5.53 14.71 5.99
CA PHE A 54 5.27 13.88 4.82
C PHE A 54 6.52 13.15 4.40
N TYR A 55 6.32 11.89 4.01
CA TYR A 55 7.37 11.06 3.50
C TYR A 55 6.84 10.48 2.20
N PHE A 56 7.55 10.72 1.11
CA PHE A 56 7.10 10.24 -0.15
C PHE A 56 8.26 10.10 -1.10
N SER A 57 8.00 9.48 -2.26
CA SER A 57 9.01 9.25 -3.26
C SER A 57 8.57 9.87 -4.57
N VAL A 58 9.52 10.43 -5.32
CA VAL A 58 9.23 11.06 -6.60
C VAL A 58 10.40 10.75 -7.50
N LYS A 59 10.10 10.46 -8.74
CA LYS A 59 11.13 10.14 -9.72
C LYS A 59 11.51 11.45 -10.37
N ARG A 60 12.64 12.00 -9.94
CA ARG A 60 13.11 13.24 -10.48
C ARG A 60 14.36 12.94 -11.26
N ASP A 61 14.52 13.60 -12.39
CA ASP A 61 15.67 13.37 -13.24
C ASP A 61 15.46 11.92 -13.63
N GLY A 62 16.44 11.05 -13.51
CA GLY A 62 16.18 9.68 -13.91
C GLY A 62 15.95 8.69 -12.80
N LYS A 63 16.10 9.14 -11.55
CA LYS A 63 15.96 8.22 -10.43
C LYS A 63 15.04 8.61 -9.29
N TRP A 64 14.67 7.60 -8.51
CA TRP A 64 13.77 7.80 -7.38
C TRP A 64 14.39 8.48 -6.18
N LYS A 65 13.62 9.40 -5.60
CA LYS A 65 14.04 10.17 -4.46
C LYS A 65 13.05 10.09 -3.30
N ASN A 66 13.55 9.94 -2.08
CA ASN A 66 12.70 9.89 -0.90
C ASN A 66 12.77 11.32 -0.41
N VAL A 67 11.61 11.86 -0.02
CA VAL A 67 11.54 13.24 0.37
C VAL A 67 10.74 13.38 1.63
N HIS A 68 11.16 14.30 2.48
CA HIS A 68 10.46 14.59 3.72
C HIS A 68 10.10 16.05 3.68
N VAL A 69 8.84 16.36 4.01
CA VAL A 69 8.39 17.74 4.04
C VAL A 69 7.51 17.96 5.26
N LYS A 70 7.81 19.00 6.03
CA LYS A 70 7.04 19.33 7.22
C LYS A 70 6.13 20.51 6.88
N ALA A 71 4.85 20.40 7.23
CA ALA A 71 3.88 21.44 6.97
C ALA A 71 3.43 21.95 8.32
N THR A 72 3.07 23.22 8.42
CA THR A 72 2.63 23.78 9.69
C THR A 72 1.21 24.32 9.58
N LYS A 73 0.38 24.04 10.56
CA LYS A 73 -1.00 24.50 10.54
C LYS A 73 -1.12 26.01 10.72
N GLN A 74 -2.20 26.57 10.19
CA GLN A 74 -2.46 27.98 10.32
C GLN A 74 -3.72 28.11 11.17
N ASP A 75 -3.99 29.32 11.67
CA ASP A 75 -5.18 29.55 12.47
C ASP A 75 -6.44 29.26 11.61
N ASP A 76 -6.38 29.61 10.34
CA ASP A 76 -7.53 29.36 9.48
C ASP A 76 -7.71 27.86 9.19
N GLY A 77 -6.85 27.03 9.77
CA GLY A 77 -6.93 25.60 9.56
C GLY A 77 -6.22 25.08 8.32
N THR A 78 -5.58 25.96 7.56
CA THR A 78 -4.86 25.48 6.39
C THR A 78 -3.43 25.14 6.84
N TYR A 79 -2.62 24.55 5.97
CA TYR A 79 -1.23 24.21 6.30
C TYR A 79 -0.34 24.80 5.26
N VAL A 80 0.82 25.26 5.67
CA VAL A 80 1.75 25.80 4.69
C VAL A 80 2.95 24.87 4.66
N ALA A 81 3.60 24.75 3.52
CA ALA A 81 4.76 23.89 3.37
C ALA A 81 5.59 24.38 2.23
N ASP A 82 6.87 24.12 2.31
CA ASP A 82 7.78 24.56 1.30
C ASP A 82 8.28 23.39 0.54
N TYR A 83 7.86 23.30 -0.70
CA TYR A 83 8.27 22.19 -1.55
C TYR A 83 8.02 22.60 -2.99
N GLU A 84 9.09 22.62 -3.79
CA GLU A 84 9.01 23.03 -5.18
C GLU A 84 8.22 24.37 -5.26
N GLY A 85 8.54 25.26 -4.31
CA GLY A 85 7.87 26.53 -4.21
C GLY A 85 7.09 26.58 -2.91
N GLN A 86 6.11 27.45 -2.83
CA GLN A 86 5.30 27.57 -1.64
C GLN A 86 3.97 26.89 -1.89
N ASN A 87 3.45 26.24 -0.84
CA ASN A 87 2.23 25.49 -0.91
C ASN A 87 1.29 25.79 0.22
N VAL A 88 0.00 25.91 -0.08
CA VAL A 88 -0.97 26.08 0.99
C VAL A 88 -1.97 24.99 0.68
N PHE A 89 -2.24 24.15 1.66
CA PHE A 89 -3.16 23.07 1.38
C PHE A 89 -4.21 22.91 2.45
N LYS A 90 -5.37 22.46 2.02
CA LYS A 90 -6.51 22.26 2.89
C LYS A 90 -6.94 20.80 2.79
N ILE A 91 -7.21 20.19 3.94
CA ILE A 91 -7.69 18.83 3.99
C ILE A 91 -9.20 18.95 3.94
N VAL A 92 -9.83 18.54 2.85
CA VAL A 92 -11.28 18.64 2.75
C VAL A 92 -11.99 17.49 3.44
N SER A 93 -11.34 16.34 3.50
CA SER A 93 -11.93 15.17 4.14
C SER A 93 -10.85 14.27 4.74
N LEU A 94 -11.03 13.90 6.00
CA LEU A 94 -10.08 13.06 6.71
C LEU A 94 -10.79 12.13 7.65
N SER A 95 -10.34 10.89 7.70
CA SER A 95 -10.90 9.88 8.62
C SER A 95 -9.79 8.86 8.81
N ARG A 96 -10.11 7.78 9.53
CA ARG A 96 -9.17 6.69 9.80
C ARG A 96 -8.61 6.03 8.55
N THR A 97 -9.32 6.13 7.43
CA THR A 97 -8.85 5.49 6.21
C THR A 97 -8.58 6.35 4.99
N HIS A 98 -9.11 7.57 4.94
CA HIS A 98 -8.88 8.39 3.77
C HIS A 98 -8.52 9.84 4.05
N LEU A 99 -7.97 10.46 3.01
CA LEU A 99 -7.56 11.85 3.02
C LEU A 99 -7.76 12.41 1.63
N VAL A 100 -8.62 13.40 1.55
CA VAL A 100 -8.88 14.10 0.29
C VAL A 100 -8.32 15.52 0.56
N ALA A 101 -7.49 16.02 -0.34
CA ALA A 101 -6.89 17.30 -0.08
C ALA A 101 -6.84 18.15 -1.29
N HIS A 102 -6.70 19.45 -1.06
CA HIS A 102 -6.58 20.45 -2.14
C HIS A 102 -5.32 21.28 -1.83
N ASN A 103 -4.42 21.38 -2.79
CA ASN A 103 -3.19 22.13 -2.61
C ASN A 103 -3.09 23.23 -3.65
N ILE A 104 -2.54 24.36 -3.25
CA ILE A 104 -2.27 25.49 -4.13
C ILE A 104 -0.75 25.62 -4.07
N ASN A 105 -0.11 25.46 -5.21
CA ASN A 105 1.34 25.56 -5.32
C ASN A 105 1.74 26.77 -6.17
N VAL A 106 2.63 27.62 -5.68
CA VAL A 106 3.11 28.72 -6.49
C VAL A 106 4.60 28.38 -6.68
N ASP A 107 5.01 28.09 -7.90
CA ASP A 107 6.39 27.73 -8.10
C ASP A 107 7.38 28.88 -8.06
N LYS A 108 8.67 28.54 -8.17
CA LYS A 108 9.75 29.53 -8.15
C LYS A 108 9.68 30.49 -9.36
N HIS A 109 8.71 30.28 -10.25
CA HIS A 109 8.51 31.15 -11.40
C HIS A 109 7.24 31.96 -11.33
N GLY A 110 6.56 31.99 -10.18
CA GLY A 110 5.31 32.77 -10.10
C GLY A 110 4.05 32.04 -10.60
N GLN A 111 4.23 30.87 -11.22
CA GLN A 111 3.13 30.04 -11.72
C GLN A 111 2.34 29.34 -10.64
N LYS A 112 1.03 29.41 -10.76
CA LYS A 112 0.16 28.80 -9.78
C LYS A 112 -0.45 27.51 -10.32
N THR A 113 -0.39 26.44 -9.53
CA THR A 113 -0.96 25.16 -9.91
C THR A 113 -1.91 24.75 -8.79
N GLU A 114 -3.06 24.22 -9.16
CA GLU A 114 -3.97 23.75 -8.12
C GLU A 114 -4.06 22.24 -8.28
N LEU A 115 -3.90 21.52 -7.18
CA LEU A 115 -3.93 20.07 -7.24
C LEU A 115 -4.93 19.49 -6.29
N THR A 116 -5.46 18.33 -6.67
CA THR A 116 -6.40 17.59 -5.81
C THR A 116 -5.80 16.22 -5.55
N GLY A 117 -6.11 15.65 -4.39
CA GLY A 117 -5.55 14.36 -4.07
C GLY A 117 -6.33 13.46 -3.14
N LEU A 118 -6.27 12.17 -3.46
CA LEU A 118 -6.91 11.13 -2.65
C LEU A 118 -5.81 10.18 -2.20
N PHE A 119 -5.78 9.93 -0.89
CA PHE A 119 -4.82 9.06 -0.26
C PHE A 119 -5.58 8.12 0.65
N VAL A 120 -5.05 6.90 0.79
CA VAL A 120 -5.66 5.89 1.64
C VAL A 120 -4.63 5.42 2.67
N LYS A 121 -5.08 5.22 3.90
CA LYS A 121 -4.22 4.76 4.98
C LYS A 121 -4.16 3.20 4.98
N LEU A 122 -2.98 2.62 5.23
CA LEU A 122 -2.88 1.16 5.31
C LEU A 122 -2.99 0.83 6.79
N ASN A 123 -4.11 0.28 7.20
CA ASN A 123 -4.33 -0.04 8.59
C ASN A 123 -4.01 -1.51 8.87
N VAL A 124 -3.33 -1.76 9.99
CA VAL A 124 -2.99 -3.11 10.42
C VAL A 124 -3.49 -3.21 11.85
N GLU A 125 -4.53 -4.00 12.07
CA GLU A 125 -5.07 -4.12 13.42
C GLU A 125 -4.25 -5.10 14.22
N ASP A 126 -4.19 -4.89 15.52
CA ASP A 126 -3.43 -5.80 16.35
C ASP A 126 -4.00 -7.21 16.37
N GLU A 127 -5.33 -7.34 16.27
CA GLU A 127 -5.99 -8.67 16.24
C GLU A 127 -5.39 -9.53 15.14
N ASP A 128 -5.15 -8.91 13.98
CA ASP A 128 -4.59 -9.60 12.82
C ASP A 128 -3.13 -9.95 13.04
N LEU A 129 -2.40 -9.03 13.66
CA LEU A 129 -0.99 -9.24 13.96
C LEU A 129 -0.86 -10.38 14.97
N GLU A 130 -1.71 -10.36 15.98
CA GLU A 130 -1.72 -11.38 17.01
C GLU A 130 -2.04 -12.77 16.43
N LYS A 131 -2.90 -12.79 15.42
CA LYS A 131 -3.28 -14.02 14.75
C LYS A 131 -2.18 -14.52 13.82
N PHE A 132 -1.44 -13.59 13.19
CA PHE A 132 -0.32 -13.97 12.31
C PHE A 132 0.83 -14.53 13.14
N TRP A 133 1.07 -13.94 14.31
CA TRP A 133 2.19 -14.40 15.13
C TRP A 133 1.93 -15.81 15.70
N LYS A 134 0.74 -16.03 16.23
CA LYS A 134 0.34 -17.35 16.76
C LYS A 134 0.49 -18.44 15.67
N LEU A 135 0.08 -18.14 14.45
CA LEU A 135 0.21 -19.11 13.38
C LEU A 135 1.68 -19.42 13.11
N THR A 136 2.50 -18.38 13.10
CA THR A 136 3.95 -18.46 12.85
C THR A 136 4.64 -19.34 13.91
N GLU A 137 4.25 -19.14 15.18
CA GLU A 137 4.79 -19.92 16.27
C GLU A 137 4.33 -21.39 16.08
N ASP A 138 3.04 -21.60 15.79
CA ASP A 138 2.51 -22.96 15.58
C ASP A 138 3.30 -23.79 14.60
N LYS A 139 3.82 -23.15 13.56
CA LYS A 139 4.58 -23.86 12.56
C LYS A 139 6.04 -23.86 12.98
N GLY A 140 6.30 -23.40 14.20
CA GLY A 140 7.67 -23.33 14.70
C GLY A 140 8.58 -22.45 13.86
N ILE A 141 8.06 -21.29 13.47
CA ILE A 141 8.84 -20.35 12.69
C ILE A 141 9.36 -19.36 13.72
N ASP A 142 10.67 -19.20 13.75
CA ASP A 142 11.31 -18.27 14.66
C ASP A 142 11.22 -16.82 14.10
N LYS A 143 10.80 -15.86 14.95
CA LYS A 143 10.66 -14.43 14.60
C LYS A 143 11.83 -13.84 13.83
N LYS A 144 13.02 -14.34 14.07
CA LYS A 144 14.16 -13.83 13.32
C LYS A 144 14.00 -14.13 11.82
N ASN A 145 13.16 -15.11 11.50
CA ASN A 145 12.91 -15.56 10.13
C ASN A 145 11.65 -14.98 9.48
N VAL A 146 11.32 -13.75 9.85
CA VAL A 146 10.15 -13.08 9.35
C VAL A 146 10.54 -11.73 8.76
N VAL A 147 10.08 -11.45 7.56
CA VAL A 147 10.40 -10.17 6.97
C VAL A 147 9.22 -9.22 7.05
N ASN A 148 9.50 -7.95 7.32
CA ASN A 148 8.47 -6.94 7.43
C ASN A 148 8.56 -6.26 6.08
N PHE A 149 7.57 -6.54 5.23
CA PHE A 149 7.50 -5.98 3.90
C PHE A 149 6.92 -4.55 3.93
N LEU A 150 6.12 -4.24 4.94
CA LEU A 150 5.53 -2.92 5.03
C LEU A 150 6.60 -1.86 5.26
N GLU A 151 7.53 -2.12 6.16
CA GLU A 151 8.60 -1.17 6.43
C GLU A 151 9.53 -1.06 5.26
N ASN A 152 9.65 -2.13 4.47
CA ASN A 152 10.54 -2.08 3.32
C ASN A 152 9.97 -1.09 2.32
N GLU A 153 8.65 -1.18 2.12
CA GLU A 153 7.94 -0.30 1.22
C GLU A 153 7.92 1.16 1.68
N ASP A 154 7.85 1.39 3.00
CA ASP A 154 7.86 2.74 3.56
C ASP A 154 9.25 3.37 3.56
N HIS A 155 10.28 2.58 3.29
CA HIS A 155 11.69 3.03 3.27
C HIS A 155 12.30 2.35 2.08
N PRO A 156 11.92 2.77 0.88
CA PRO A 156 12.39 2.23 -0.40
C PRO A 156 13.80 2.42 -0.88
N HIS A 157 14.15 1.53 -1.82
CA HIS A 157 15.43 1.45 -2.50
C HIS A 157 16.54 0.75 -1.76
N ASN B 9 -18.53 -16.31 -1.01
CA ASN B 9 -18.62 -14.86 -1.38
C ASN B 9 -17.36 -14.12 -1.00
N LEU B 10 -16.34 -14.30 -1.83
CA LEU B 10 -15.04 -13.68 -1.63
C LEU B 10 -14.68 -12.78 -2.81
N SER B 11 -15.60 -12.65 -3.76
CA SER B 11 -15.38 -11.80 -4.92
C SER B 11 -15.14 -10.36 -4.47
N GLU B 12 -15.98 -9.90 -3.54
CA GLU B 12 -15.88 -8.53 -3.03
C GLU B 12 -14.56 -8.20 -2.38
N LEU B 13 -13.68 -9.19 -2.24
CA LEU B 13 -12.39 -8.94 -1.63
C LEU B 13 -11.36 -8.66 -2.68
N SER B 14 -11.75 -8.76 -3.95
CA SER B 14 -10.80 -8.50 -5.05
C SER B 14 -10.30 -7.07 -4.98
N GLY B 15 -9.14 -6.80 -5.56
CA GLY B 15 -8.62 -5.45 -5.54
C GLY B 15 -7.17 -5.39 -5.15
N PRO B 16 -6.65 -4.21 -4.75
CA PRO B 16 -5.26 -4.03 -4.37
C PRO B 16 -4.96 -4.51 -2.95
N TRP B 17 -3.96 -5.37 -2.85
CA TRP B 17 -3.60 -5.93 -1.55
C TRP B 17 -2.10 -5.75 -1.37
N ARG B 18 -1.67 -5.62 -0.13
CA ARG B 18 -0.24 -5.46 0.17
C ARG B 18 0.24 -6.50 1.18
N THR B 19 1.48 -6.95 0.99
CA THR B 19 2.15 -7.90 1.88
C THR B 19 2.63 -7.09 3.11
N VAL B 20 2.44 -7.64 4.31
CA VAL B 20 2.85 -6.98 5.53
C VAL B 20 4.02 -7.78 6.11
N TYR B 21 3.79 -9.07 6.38
CA TYR B 21 4.81 -9.98 6.91
C TYR B 21 4.75 -11.32 6.21
N ILE B 22 5.91 -11.90 5.99
CA ILE B 22 6.00 -13.25 5.47
C ILE B 22 7.06 -13.96 6.31
N GLY B 23 6.69 -15.13 6.84
CA GLY B 23 7.55 -15.95 7.65
C GLY B 23 7.85 -17.25 6.91
N SER B 24 8.95 -17.91 7.24
CA SER B 24 9.36 -19.15 6.55
C SER B 24 10.21 -20.08 7.42
N THR B 25 9.97 -21.39 7.33
CA THR B 25 10.79 -22.33 8.08
C THR B 25 12.17 -22.38 7.41
N ASN B 26 12.28 -21.86 6.19
CA ASN B 26 13.57 -21.81 5.48
C ASN B 26 13.86 -20.35 5.04
N PRO B 27 14.66 -19.62 5.84
CA PRO B 27 15.03 -18.22 5.55
C PRO B 27 15.52 -17.91 4.13
N GLU B 28 16.10 -18.88 3.45
CA GLU B 28 16.60 -18.60 2.12
C GLU B 28 15.47 -18.25 1.16
N LYS B 29 14.28 -18.81 1.41
CA LYS B 29 13.13 -18.57 0.54
C LYS B 29 12.62 -17.13 0.56
N ILE B 30 12.87 -16.42 1.66
CA ILE B 30 12.41 -15.05 1.82
C ILE B 30 13.48 -13.97 1.95
N GLN B 31 14.75 -14.36 1.95
CA GLN B 31 15.84 -13.36 2.03
C GLN B 31 15.88 -12.75 0.63
N GLU B 32 16.82 -11.81 0.45
CA GLU B 32 17.02 -11.12 -0.83
C GLU B 32 17.23 -12.15 -1.93
N ASN B 33 16.46 -12.01 -3.00
CA ASN B 33 16.47 -12.90 -4.17
C ASN B 33 15.67 -14.17 -3.92
N GLY B 34 15.10 -14.29 -2.72
CA GLY B 34 14.32 -15.47 -2.40
C GLY B 34 13.07 -15.52 -3.26
N PRO B 35 12.63 -16.72 -3.70
CA PRO B 35 11.44 -16.85 -4.55
C PRO B 35 10.14 -16.41 -3.87
N PHE B 36 10.13 -16.42 -2.55
CA PHE B 36 8.94 -16.05 -1.83
C PHE B 36 8.93 -14.72 -1.14
N ARG B 37 9.81 -13.82 -1.58
CA ARG B 37 9.91 -12.45 -1.03
C ARG B 37 9.04 -11.68 -2.01
N THR B 38 7.74 -11.90 -1.84
CA THR B 38 6.73 -11.33 -2.73
C THR B 38 5.94 -10.12 -2.26
N TYR B 39 6.00 -9.07 -3.05
CA TYR B 39 5.22 -7.86 -2.75
C TYR B 39 3.88 -7.94 -3.53
N PHE B 40 2.79 -8.18 -2.81
CA PHE B 40 1.46 -8.32 -3.44
C PHE B 40 1.04 -7.01 -4.08
N ARG B 41 0.34 -7.11 -5.20
CA ARG B 41 -0.17 -5.94 -5.93
C ARG B 41 -1.68 -5.98 -5.94
N GLU B 42 -2.22 -7.11 -6.36
CA GLU B 42 -3.67 -7.26 -6.46
C GLU B 42 -4.12 -8.71 -6.27
N LEU B 43 -5.30 -8.90 -5.68
CA LEU B 43 -5.85 -10.24 -5.52
C LEU B 43 -7.22 -10.23 -6.22
N VAL B 44 -7.53 -11.31 -6.93
CA VAL B 44 -8.84 -11.41 -7.63
C VAL B 44 -9.47 -12.76 -7.31
N PHE B 45 -10.56 -12.76 -6.53
CA PHE B 45 -11.26 -13.97 -6.14
C PHE B 45 -12.45 -14.19 -7.05
N ASP B 46 -12.63 -15.41 -7.54
CA ASP B 46 -13.77 -15.75 -8.39
C ASP B 46 -14.48 -16.91 -7.70
N ASP B 47 -15.66 -16.63 -7.15
CA ASP B 47 -16.47 -17.64 -6.47
C ASP B 47 -17.13 -18.73 -7.35
N GLU B 48 -17.28 -18.46 -8.64
CA GLU B 48 -17.93 -19.42 -9.52
C GLU B 48 -16.94 -20.46 -10.03
N LYS B 49 -15.72 -20.04 -10.29
CA LYS B 49 -14.71 -20.97 -10.77
C LYS B 49 -13.87 -21.46 -9.61
N GLY B 50 -14.15 -20.96 -8.40
CA GLY B 50 -13.36 -21.33 -7.23
C GLY B 50 -11.87 -21.10 -7.48
N THR B 51 -11.51 -19.88 -7.85
CA THR B 51 -10.11 -19.58 -8.12
C THR B 51 -9.67 -18.23 -7.57
N VAL B 52 -8.35 -18.06 -7.46
CA VAL B 52 -7.73 -16.83 -6.98
C VAL B 52 -6.54 -16.51 -7.87
N ASP B 53 -6.49 -15.30 -8.39
CA ASP B 53 -5.36 -14.90 -9.21
C ASP B 53 -4.55 -13.94 -8.34
N PHE B 54 -3.23 -14.16 -8.26
CA PHE B 54 -2.31 -13.34 -7.47
C PHE B 54 -1.47 -12.61 -8.48
N TYR B 55 -1.34 -11.31 -8.25
CA TYR B 55 -0.51 -10.43 -9.08
C TYR B 55 0.47 -9.86 -8.06
N PHE B 56 1.76 -10.08 -8.29
CA PHE B 56 2.76 -9.62 -7.34
C PHE B 56 4.07 -9.45 -8.03
N SER B 57 5.00 -8.86 -7.31
CA SER B 57 6.32 -8.58 -7.83
C SER B 57 7.40 -9.25 -6.99
N VAL B 58 8.43 -9.75 -7.68
CA VAL B 58 9.55 -10.41 -7.04
C VAL B 58 10.82 -9.97 -7.74
N LYS B 59 11.87 -9.72 -6.95
CA LYS B 59 13.16 -9.37 -7.51
C LYS B 59 13.91 -10.72 -7.60
N ARG B 60 14.04 -11.24 -8.82
CA ARG B 60 14.69 -12.51 -9.07
C ARG B 60 15.90 -12.27 -9.94
N ASP B 61 16.99 -12.97 -9.61
CA ASP B 61 18.27 -12.78 -10.30
C ASP B 61 18.47 -11.34 -9.86
N GLY B 62 18.87 -10.45 -10.76
CA GLY B 62 19.07 -9.07 -10.33
C GLY B 62 17.93 -8.10 -10.55
N LYS B 63 16.83 -8.52 -11.18
CA LYS B 63 15.73 -7.62 -11.47
C LYS B 63 14.35 -7.98 -10.96
N TRP B 64 13.45 -7.01 -11.09
CA TRP B 64 12.06 -7.12 -10.66
C TRP B 64 11.21 -7.74 -11.75
N LYS B 65 10.35 -8.65 -11.35
CA LYS B 65 9.45 -9.36 -12.26
C LYS B 65 8.06 -9.21 -11.68
N ASN B 66 7.05 -9.20 -12.54
CA ASN B 66 5.65 -9.12 -12.12
C ASN B 66 5.14 -10.49 -12.42
N VAL B 67 4.56 -11.15 -11.42
CA VAL B 67 4.07 -12.51 -11.59
C VAL B 67 2.56 -12.62 -11.39
N HIS B 68 1.96 -13.54 -12.14
CA HIS B 68 0.55 -13.84 -12.06
C HIS B 68 0.44 -15.33 -11.90
N VAL B 69 -0.23 -15.76 -10.85
CA VAL B 69 -0.44 -17.16 -10.54
C VAL B 69 -1.92 -17.32 -10.24
N LYS B 70 -2.53 -18.40 -10.73
CA LYS B 70 -3.94 -18.71 -10.51
C LYS B 70 -3.97 -19.91 -9.56
N ALA B 71 -4.71 -19.79 -8.46
CA ALA B 71 -4.82 -20.87 -7.50
C ALA B 71 -6.20 -21.49 -7.65
N THR B 72 -6.32 -22.80 -7.47
CA THR B 72 -7.64 -23.43 -7.57
C THR B 72 -8.03 -24.01 -6.22
N LYS B 73 -9.28 -23.82 -5.83
CA LYS B 73 -9.77 -24.33 -4.56
C LYS B 73 -9.97 -25.86 -4.63
N GLN B 74 -9.86 -26.53 -3.49
CA GLN B 74 -10.03 -27.98 -3.44
C GLN B 74 -11.17 -28.30 -2.52
N ASP B 75 -11.64 -29.54 -2.60
CA ASP B 75 -12.75 -30.02 -1.80
C ASP B 75 -12.51 -29.84 -0.31
N ASP B 76 -11.24 -29.90 0.09
CA ASP B 76 -10.90 -29.72 1.51
C ASP B 76 -10.91 -28.26 1.93
N GLY B 77 -10.93 -27.34 0.96
CA GLY B 77 -10.94 -25.92 1.25
C GLY B 77 -9.61 -25.26 0.88
N THR B 78 -8.54 -26.03 0.95
CA THR B 78 -7.22 -25.55 0.61
C THR B 78 -7.17 -25.17 -0.87
N TYR B 79 -6.13 -24.43 -1.27
CA TYR B 79 -5.92 -24.05 -2.65
C TYR B 79 -4.59 -24.63 -3.04
N VAL B 80 -4.40 -24.92 -4.32
CA VAL B 80 -3.12 -25.45 -4.78
C VAL B 80 -2.74 -24.55 -5.95
N ALA B 81 -1.45 -24.35 -6.15
CA ALA B 81 -0.99 -23.51 -7.23
C ALA B 81 0.43 -23.91 -7.51
N ASP B 82 0.88 -23.61 -8.71
CA ASP B 82 2.23 -23.91 -9.17
C ASP B 82 3.01 -22.61 -9.19
N TYR B 83 4.03 -22.54 -8.33
CA TYR B 83 4.92 -21.38 -8.24
C TYR B 83 6.13 -21.85 -7.40
N GLU B 84 7.30 -21.90 -8.05
CA GLU B 84 8.54 -22.35 -7.42
C GLU B 84 8.26 -23.69 -6.73
N GLY B 85 7.62 -24.58 -7.50
CA GLY B 85 7.25 -25.90 -7.01
C GLY B 85 5.75 -26.10 -7.02
N GLN B 86 5.25 -26.87 -6.06
CA GLN B 86 3.83 -27.09 -5.95
C GLN B 86 3.55 -26.44 -4.65
N ASN B 87 2.42 -25.76 -4.56
CA ASN B 87 2.08 -25.09 -3.32
C ASN B 87 0.68 -25.51 -2.99
N VAL B 88 0.41 -25.66 -1.70
CA VAL B 88 -0.89 -26.02 -1.20
C VAL B 88 -1.03 -25.04 -0.09
N PHE B 89 -2.02 -24.16 -0.14
CA PHE B 89 -2.17 -23.23 0.96
C PHE B 89 -3.57 -23.13 1.52
N LYS B 90 -3.65 -22.65 2.76
CA LYS B 90 -4.88 -22.49 3.49
C LYS B 90 -5.07 -21.08 4.06
N ILE B 91 -6.22 -20.46 3.80
CA ILE B 91 -6.50 -19.14 4.36
C ILE B 91 -6.93 -19.44 5.79
N VAL B 92 -6.36 -18.75 6.76
CA VAL B 92 -6.70 -19.04 8.14
C VAL B 92 -7.71 -18.06 8.63
N SER B 93 -7.55 -16.80 8.23
CA SER B 93 -8.53 -15.78 8.57
C SER B 93 -8.52 -14.72 7.49
N LEU B 94 -9.71 -14.31 7.10
CA LEU B 94 -9.92 -13.32 6.05
C LEU B 94 -10.90 -12.36 6.67
N SER B 95 -11.13 -11.26 5.97
CA SER B 95 -12.06 -10.22 6.37
C SER B 95 -11.86 -9.17 5.33
N ARG B 96 -12.59 -8.07 5.43
CA ARG B 96 -12.48 -7.00 4.43
C ARG B 96 -11.08 -6.43 4.34
N THR B 97 -10.42 -6.32 5.48
CA THR B 97 -9.09 -5.75 5.52
C THR B 97 -7.86 -6.65 5.59
N HIS B 98 -8.00 -7.88 6.09
CA HIS B 98 -6.84 -8.78 6.21
C HIS B 98 -7.02 -10.21 5.72
N LEU B 99 -5.86 -10.83 5.51
CA LEU B 99 -5.73 -12.19 5.05
C LEU B 99 -4.47 -12.78 5.73
N VAL B 100 -4.67 -13.73 6.64
CA VAL B 100 -3.58 -14.46 7.28
C VAL B 100 -3.61 -15.85 6.63
N ALA B 101 -2.47 -16.27 6.09
CA ALA B 101 -2.43 -17.55 5.41
C ALA B 101 -1.20 -18.40 5.74
N HIS B 102 -1.28 -19.69 5.43
CA HIS B 102 -0.18 -20.62 5.64
C HIS B 102 -0.05 -21.41 4.33
N ASN B 103 1.16 -21.53 3.80
CA ASN B 103 1.45 -22.20 2.53
C ASN B 103 2.54 -23.25 2.70
N ILE B 104 2.39 -24.35 1.95
CA ILE B 104 3.37 -25.41 1.97
C ILE B 104 3.88 -25.45 0.54
N ASN B 105 5.15 -25.23 0.36
CA ASN B 105 5.75 -25.26 -0.96
C ASN B 105 6.65 -26.46 -1.02
N VAL B 106 6.65 -27.15 -2.14
CA VAL B 106 7.55 -28.27 -2.28
C VAL B 106 8.28 -27.93 -3.57
N ASP B 107 9.57 -27.58 -3.46
CA ASP B 107 10.34 -27.21 -4.64
C ASP B 107 10.79 -28.39 -5.52
N LYS B 108 11.55 -28.07 -6.56
CA LYS B 108 12.09 -29.06 -7.49
C LYS B 108 12.90 -30.22 -6.83
N HIS B 109 13.52 -29.95 -5.69
CA HIS B 109 14.35 -30.92 -5.01
C HIS B 109 13.67 -31.62 -3.85
N GLY B 110 12.35 -31.59 -3.84
CA GLY B 110 11.61 -32.27 -2.79
C GLY B 110 11.59 -31.57 -1.46
N GLN B 111 12.34 -30.45 -1.36
CA GLN B 111 12.43 -29.66 -0.13
C GLN B 111 11.07 -29.05 0.18
N LYS B 112 10.60 -29.29 1.40
CA LYS B 112 9.32 -28.78 1.85
C LYS B 112 9.53 -27.49 2.67
N THR B 113 8.79 -26.41 2.37
CA THR B 113 8.91 -25.20 3.18
C THR B 113 7.53 -24.73 3.62
N GLU B 114 7.38 -24.36 4.89
CA GLU B 114 6.11 -23.85 5.40
C GLU B 114 6.28 -22.33 5.53
N LEU B 115 5.34 -21.58 4.97
CA LEU B 115 5.44 -20.13 5.04
C LEU B 115 4.17 -19.64 5.66
N THR B 116 4.22 -18.46 6.28
CA THR B 116 3.05 -17.86 6.89
C THR B 116 2.98 -16.44 6.36
N GLY B 117 1.81 -15.81 6.39
CA GLY B 117 1.74 -14.48 5.82
C GLY B 117 0.56 -13.64 6.29
N LEU B 118 0.78 -12.33 6.37
CA LEU B 118 -0.24 -11.37 6.75
C LEU B 118 -0.28 -10.39 5.60
N PHE B 119 -1.44 -10.19 4.98
CA PHE B 119 -1.58 -9.26 3.87
C PHE B 119 -2.74 -8.36 4.22
N VAL B 120 -2.67 -7.07 3.88
CA VAL B 120 -3.76 -6.11 4.15
C VAL B 120 -4.29 -5.58 2.82
N LYS B 121 -5.59 -5.27 2.82
CA LYS B 121 -6.26 -4.74 1.65
C LYS B 121 -6.32 -3.22 1.64
N LEU B 122 -6.08 -2.64 0.47
CA LEU B 122 -6.16 -1.19 0.29
C LEU B 122 -7.59 -0.86 -0.11
N ASN B 123 -8.43 -0.53 0.86
CA ASN B 123 -9.84 -0.22 0.62
C ASN B 123 -10.13 1.25 0.23
N VAL B 124 -10.57 1.46 -1.01
CA VAL B 124 -10.91 2.79 -1.49
C VAL B 124 -12.43 2.84 -1.52
N GLU B 125 -13.01 3.74 -0.76
CA GLU B 125 -14.45 3.87 -0.69
C GLU B 125 -15.05 4.79 -1.73
N ASP B 126 -16.26 4.44 -2.15
CA ASP B 126 -17.05 5.19 -3.11
C ASP B 126 -17.31 6.59 -2.59
N GLU B 127 -17.73 6.68 -1.35
CA GLU B 127 -18.03 7.94 -0.71
C GLU B 127 -16.82 8.89 -0.83
N ASP B 128 -15.63 8.33 -0.65
CA ASP B 128 -14.40 9.10 -0.70
C ASP B 128 -13.99 9.42 -2.13
N LEU B 129 -14.22 8.47 -3.03
CA LEU B 129 -13.88 8.68 -4.44
C LEU B 129 -14.73 9.79 -5.05
N GLU B 130 -15.99 9.81 -4.65
CA GLU B 130 -16.94 10.80 -5.14
C GLU B 130 -16.50 12.19 -4.71
N LYS B 131 -16.14 12.31 -3.42
CA LYS B 131 -15.68 13.56 -2.87
C LYS B 131 -14.49 14.04 -3.65
N PHE B 132 -13.58 13.12 -3.94
CA PHE B 132 -12.40 13.48 -4.68
C PHE B 132 -12.78 14.00 -6.05
N TRP B 133 -13.73 13.33 -6.68
CA TRP B 133 -14.18 13.71 -8.01
C TRP B 133 -14.91 15.05 -8.07
N LYS B 134 -15.77 15.31 -7.09
CA LYS B 134 -16.45 16.58 -7.03
C LYS B 134 -15.36 17.68 -6.95
N LEU B 135 -14.46 17.55 -5.97
CA LEU B 135 -13.39 18.52 -5.77
C LEU B 135 -12.57 18.75 -7.00
N THR B 136 -12.23 17.68 -7.69
CA THR B 136 -11.45 17.78 -8.92
C THR B 136 -12.24 18.60 -9.97
N GLU B 137 -13.56 18.44 -10.01
CA GLU B 137 -14.42 19.19 -10.94
C GLU B 137 -14.51 20.64 -10.53
N ASP B 138 -14.73 20.91 -9.24
CA ASP B 138 -14.80 22.26 -8.73
C ASP B 138 -13.56 23.06 -9.11
N LYS B 139 -12.40 22.43 -9.09
CA LYS B 139 -11.14 23.11 -9.42
C LYS B 139 -10.96 23.12 -10.90
N GLY B 140 -12.01 22.75 -11.62
CA GLY B 140 -11.94 22.70 -13.07
C GLY B 140 -10.84 21.79 -13.59
N ILE B 141 -10.57 20.68 -12.91
CA ILE B 141 -9.51 19.76 -13.35
C ILE B 141 -10.08 18.70 -14.28
N ASP B 142 -9.44 18.51 -15.42
CA ASP B 142 -9.92 17.55 -16.41
C ASP B 142 -9.53 16.11 -16.07
N LYS B 143 -10.51 15.20 -16.14
CA LYS B 143 -10.28 13.79 -15.85
C LYS B 143 -9.03 13.22 -16.53
N LYS B 144 -8.65 13.80 -17.65
CA LYS B 144 -7.45 13.38 -18.38
C LYS B 144 -6.18 13.77 -17.56
N ASN B 145 -6.26 14.84 -16.79
CA ASN B 145 -5.15 15.31 -15.96
C ASN B 145 -5.18 14.73 -14.57
N VAL B 146 -5.48 13.44 -14.49
CA VAL B 146 -5.55 12.74 -13.22
C VAL B 146 -4.72 11.47 -13.36
N VAL B 147 -3.88 11.22 -12.38
CA VAL B 147 -3.01 10.05 -12.40
C VAL B 147 -3.44 9.04 -11.35
N ASN B 148 -3.55 7.78 -11.77
CA ASN B 148 -3.92 6.65 -10.91
C ASN B 148 -2.62 6.07 -10.36
N PHE B 149 -2.38 6.24 -9.07
CA PHE B 149 -1.16 5.70 -8.50
C PHE B 149 -1.26 4.22 -8.05
N LEU B 150 -2.49 3.70 -7.90
CA LEU B 150 -2.70 2.30 -7.51
C LEU B 150 -2.38 1.31 -8.61
N GLU B 151 -2.70 1.63 -9.84
CA GLU B 151 -2.36 0.69 -10.90
C GLU B 151 -1.36 1.35 -11.81
N ASN B 152 -0.21 1.72 -11.25
CA ASN B 152 0.79 2.38 -12.05
C ASN B 152 2.07 1.59 -12.17
N GLU B 153 2.59 1.56 -13.38
CA GLU B 153 3.83 0.85 -13.66
C GLU B 153 5.00 1.62 -13.07
N ASP B 154 5.04 2.92 -13.33
CA ASP B 154 6.08 3.84 -12.87
C ASP B 154 5.94 4.03 -11.35
N HIS B 155 6.48 3.08 -10.57
CA HIS B 155 6.40 3.13 -9.09
C HIS B 155 7.77 2.87 -8.44
N PRO B 156 7.96 3.30 -7.19
CA PRO B 156 9.23 3.08 -6.51
C PRO B 156 9.50 1.60 -6.21
N HIS B 157 10.74 1.28 -5.84
CA HIS B 157 11.13 -0.09 -5.51
C HIS B 157 11.52 -0.18 -4.06
N PRO B 158 10.92 -1.13 -3.33
CA PRO B 158 11.19 -1.33 -1.91
C PRO B 158 12.58 -1.88 -1.61
N GLU B 159 13.31 -2.26 -2.65
CA GLU B 159 14.64 -2.81 -2.52
C GLU B 159 15.26 -3.02 -3.91
#